data_3V1L
#
_entry.id   3V1L
#
_cell.length_a   117.458
_cell.length_b   117.458
_cell.length_c   87.791
_cell.angle_alpha   90.000
_cell.angle_beta   90.000
_cell.angle_gamma   90.000
#
_symmetry.space_group_name_H-M   'I 41 2 2'
#
loop_
_entity.id
_entity.type
_entity.pdbx_description
1 polymer '2-hydroxy-6-oxo-6-phenylhexa-2,4-dienoate hydrolase'
2 non-polymer 'MALONIC ACID'
3 water water
#
_entity_poly.entity_id   1
_entity_poly.type   'polypeptide(L)'
_entity_poly.pdbx_seq_one_letter_code
;MTALTESSTSKFVKINEKGFSDFNIHYNEAGNGETVIMLHGGGPGAGGWSNYYRNVGPFVDAGYRVILKDSPGFNKSDAV
VMDEQRGLVNARAVKGLMDALDIDRAHLVGNAMGGATALNFALEYPDRIGKLILMGPGGLGPSMFAPMPMEGIKLLFKLY
AEPSYETLKQMLQVFLYDQSLITEELLQGRWEAIQRQPEHLKNFLISAQKAPLSTWDVTARLGEIKAKTFITWGRDDRFV
PLDHGLKLLWNIDDARLHVFSKCGQWAQWEHADEFNRLVIDFLRHA
;
_entity_poly.pdbx_strand_id   A
#
loop_
_chem_comp.id
_chem_comp.type
_chem_comp.name
_chem_comp.formula
MLA non-polymer 'MALONIC ACID' 'C3 H4 O4'
#
# COMPACT_ATOMS: atom_id res chain seq x y z
N LEU A 4 -13.99 -14.56 8.56
CA LEU A 4 -13.27 -14.52 7.24
C LEU A 4 -11.81 -14.83 7.48
N THR A 5 -11.25 -15.68 6.64
CA THR A 5 -9.86 -16.10 6.73
C THR A 5 -9.15 -15.82 5.41
N GLU A 6 -7.82 -15.85 5.45
CA GLU A 6 -7.00 -15.78 4.23
C GLU A 6 -7.41 -16.86 3.21
N SER A 7 -7.55 -18.12 3.63
CA SER A 7 -7.84 -19.22 2.67
C SER A 7 -9.22 -19.09 2.05
N SER A 8 -10.22 -18.83 2.87
CA SER A 8 -11.60 -18.75 2.36
C SER A 8 -11.83 -17.57 1.41
N THR A 9 -11.00 -16.52 1.51
CA THR A 9 -11.17 -15.31 0.67
C THR A 9 -10.23 -15.31 -0.54
N SER A 10 -9.29 -16.25 -0.55
CA SER A 10 -8.19 -16.28 -1.52
C SER A 10 -8.64 -16.57 -2.94
N LYS A 11 -8.15 -15.78 -3.90
CA LYS A 11 -8.47 -15.98 -5.31
C LYS A 11 -7.28 -15.57 -6.17
N PHE A 12 -7.28 -16.00 -7.43
CA PHE A 12 -6.26 -15.64 -8.39
C PHE A 12 -6.97 -15.18 -9.64
N VAL A 13 -6.39 -14.23 -10.36
CA VAL A 13 -6.86 -13.83 -11.69
C VAL A 13 -5.63 -13.54 -12.57
N LYS A 14 -5.74 -13.81 -13.87
CA LYS A 14 -4.64 -13.56 -14.81
C LYS A 14 -4.91 -12.22 -15.45
N ILE A 15 -3.91 -11.34 -15.48
CA ILE A 15 -4.15 -10.00 -16.06
C ILE A 15 -3.39 -9.77 -17.37
N ASN A 16 -3.98 -8.91 -18.22
CA ASN A 16 -3.40 -8.51 -19.51
C ASN A 16 -3.55 -7.01 -19.73
N GLU A 17 -2.51 -6.26 -19.43
CA GLU A 17 -2.51 -4.80 -19.52
C GLU A 17 -1.09 -4.36 -19.77
N LYS A 18 -0.89 -3.56 -20.82
CA LYS A 18 0.43 -3.04 -21.17
C LYS A 18 1.51 -4.14 -21.12
N GLY A 19 2.46 -4.04 -20.20
CA GLY A 19 3.54 -5.02 -20.12
C GLY A 19 3.13 -6.42 -19.67
N PHE A 20 1.96 -6.54 -19.03
CA PHE A 20 1.54 -7.81 -18.42
C PHE A 20 0.85 -8.72 -19.42
N SER A 21 1.38 -9.93 -19.56
CA SER A 21 0.81 -10.96 -20.42
C SER A 21 0.53 -12.20 -19.59
N ASP A 22 -0.76 -12.51 -19.43
CA ASP A 22 -1.22 -13.59 -18.55
C ASP A 22 -0.46 -13.66 -17.23
N PHE A 23 -0.46 -12.53 -16.53
CA PHE A 23 0.31 -12.36 -15.31
C PHE A 23 -0.60 -12.68 -14.13
N ASN A 24 -0.11 -13.51 -13.22
CA ASN A 24 -0.94 -14.02 -12.15
C ASN A 24 -0.96 -13.05 -10.96
N ILE A 25 -2.17 -12.60 -10.62
CA ILE A 25 -2.37 -11.74 -9.46
C ILE A 25 -3.21 -12.48 -8.40
N HIS A 26 -2.68 -12.57 -7.19
CA HIS A 26 -3.42 -13.10 -6.07
C HIS A 26 -4.14 -12.01 -5.33
N TYR A 27 -5.38 -12.27 -4.93
CA TYR A 27 -6.11 -11.34 -4.05
C TYR A 27 -7.06 -12.07 -3.10
N ASN A 28 -7.49 -11.35 -2.07
CA ASN A 28 -8.42 -11.86 -1.08
C ASN A 28 -9.68 -11.00 -1.15
N GLU A 29 -10.82 -11.63 -1.36
CA GLU A 29 -12.03 -10.89 -1.61
C GLU A 29 -13.14 -11.30 -0.64
N ALA A 30 -13.89 -10.31 -0.14
CA ALA A 30 -15.09 -10.59 0.64
C ALA A 30 -16.08 -9.44 0.43
N GLY A 31 -17.37 -9.76 0.57
CA GLY A 31 -18.44 -8.81 0.41
C GLY A 31 -18.90 -8.72 -1.03
N ASN A 32 -19.96 -7.97 -1.28
CA ASN A 32 -20.50 -7.87 -2.65
C ASN A 32 -21.08 -6.50 -3.07
N GLY A 33 -20.87 -5.45 -2.27
CA GLY A 33 -21.36 -4.10 -2.61
C GLY A 33 -20.36 -3.37 -3.50
N GLU A 34 -20.29 -2.02 -3.41
CA GLU A 34 -19.29 -1.31 -4.21
C GLU A 34 -17.86 -1.67 -3.81
N THR A 35 -17.01 -1.77 -4.82
CA THR A 35 -15.66 -2.29 -4.66
C THR A 35 -14.73 -1.27 -4.03
N VAL A 36 -14.02 -1.70 -2.99
CA VAL A 36 -12.90 -0.96 -2.42
C VAL A 36 -11.69 -1.87 -2.59
N ILE A 37 -10.68 -1.44 -3.37
CA ILE A 37 -9.41 -2.18 -3.49
C ILE A 37 -8.34 -1.60 -2.55
N MET A 38 -7.78 -2.46 -1.71
CA MET A 38 -6.76 -2.07 -0.74
C MET A 38 -5.38 -2.57 -1.17
N LEU A 39 -4.40 -1.69 -1.08
CA LEU A 39 -3.08 -1.88 -1.68
C LEU A 39 -2.01 -1.67 -0.63
N HIS A 40 -1.06 -2.60 -0.56
CA HIS A 40 -0.11 -2.68 0.56
C HIS A 40 1.21 -2.02 0.27
N GLY A 41 2.01 -1.88 1.32
CA GLY A 41 3.35 -1.35 1.23
C GLY A 41 4.36 -2.31 0.63
N GLY A 42 5.59 -1.82 0.51
CA GLY A 42 6.63 -2.48 -0.28
C GLY A 42 7.72 -3.22 0.46
N GLY A 43 7.56 -3.44 1.77
CA GLY A 43 8.62 -4.06 2.56
C GLY A 43 8.65 -5.57 2.32
N PRO A 44 9.78 -6.23 2.60
CA PRO A 44 9.84 -7.68 2.31
C PRO A 44 8.76 -8.46 3.10
N GLY A 45 8.05 -9.34 2.41
CA GLY A 45 7.00 -10.14 3.06
C GLY A 45 5.61 -9.52 3.05
N ALA A 46 5.48 -8.30 2.51
CA ALA A 46 4.19 -7.61 2.51
C ALA A 46 3.20 -8.30 1.58
N GLY A 47 1.92 -8.14 1.88
CA GLY A 47 0.82 -8.72 1.08
C GLY A 47 -0.53 -8.16 1.52
N GLY A 48 -1.59 -8.47 0.76
CA GLY A 48 -2.90 -7.87 1.02
C GLY A 48 -3.53 -8.26 2.34
N TRP A 49 -3.58 -9.56 2.61
CA TRP A 49 -4.24 -10.07 3.81
C TRP A 49 -3.53 -9.62 5.09
N SER A 50 -2.22 -9.83 5.17
CA SER A 50 -1.48 -9.45 6.38
C SER A 50 -1.47 -7.94 6.65
N ASN A 51 -1.61 -7.13 5.60
CA ASN A 51 -1.70 -5.67 5.77
C ASN A 51 -3.07 -5.16 6.20
N TYR A 52 -4.13 -5.84 5.77
CA TYR A 52 -5.47 -5.32 5.90
C TYR A 52 -6.48 -6.24 6.62
N TYR A 53 -6.02 -7.28 7.32
CA TYR A 53 -6.97 -8.25 7.92
C TYR A 53 -7.81 -7.64 9.04
N ARG A 54 -7.35 -6.53 9.64
CA ARG A 54 -8.16 -5.80 10.63
C ARG A 54 -9.18 -4.82 10.02
N ASN A 55 -9.17 -4.68 8.70
CA ASN A 55 -10.04 -3.74 8.04
C ASN A 55 -11.10 -4.42 7.18
N VAL A 56 -10.82 -5.63 6.73
CA VAL A 56 -11.68 -6.28 5.75
C VAL A 56 -13.09 -6.51 6.30
N GLY A 57 -13.18 -6.96 7.55
CA GLY A 57 -14.47 -7.26 8.17
C GLY A 57 -15.35 -6.04 8.36
N PRO A 58 -14.82 -5.02 9.05
CA PRO A 58 -15.61 -3.81 9.22
C PRO A 58 -16.05 -3.17 7.91
N PHE A 59 -15.21 -3.18 6.89
CA PHE A 59 -15.60 -2.66 5.58
C PHE A 59 -16.69 -3.51 4.89
N VAL A 60 -16.54 -4.84 4.90
CA VAL A 60 -17.59 -5.73 4.37
C VAL A 60 -18.92 -5.58 5.11
N ASP A 61 -18.83 -5.46 6.44
CA ASP A 61 -20.01 -5.16 7.28
C ASP A 61 -20.68 -3.85 6.89
N ALA A 62 -19.89 -2.85 6.48
CA ALA A 62 -20.46 -1.57 6.04
C ALA A 62 -21.09 -1.69 4.64
N GLY A 63 -20.93 -2.82 3.99
CA GLY A 63 -21.63 -3.04 2.71
C GLY A 63 -20.74 -2.96 1.49
N TYR A 64 -19.42 -2.95 1.68
CA TYR A 64 -18.51 -2.89 0.55
C TYR A 64 -17.99 -4.26 0.19
N ARG A 65 -17.58 -4.38 -1.06
CA ARG A 65 -16.84 -5.52 -1.56
C ARG A 65 -15.37 -5.14 -1.44
N VAL A 66 -14.64 -5.86 -0.61
CA VAL A 66 -13.24 -5.58 -0.35
C VAL A 66 -12.35 -6.54 -1.11
N ILE A 67 -11.37 -5.97 -1.82
CA ILE A 67 -10.34 -6.72 -2.52
C ILE A 67 -9.00 -6.28 -1.96
N LEU A 68 -8.31 -7.21 -1.33
CA LEU A 68 -6.98 -6.95 -0.81
C LEU A 68 -6.06 -7.52 -1.86
N LYS A 69 -5.39 -6.65 -2.62
CA LYS A 69 -4.58 -7.06 -3.77
C LYS A 69 -3.11 -7.29 -3.42
N ASP A 70 -2.55 -8.41 -3.86
CA ASP A 70 -1.09 -8.60 -3.86
C ASP A 70 -0.54 -7.92 -5.11
N SER A 71 0.34 -6.92 -4.91
CA SER A 71 1.02 -6.23 -6.01
C SER A 71 2.05 -7.14 -6.69
N PRO A 72 2.31 -6.91 -8.01
CA PRO A 72 3.27 -7.73 -8.72
C PRO A 72 4.57 -7.76 -7.98
N GLY A 73 5.15 -8.96 -7.87
CA GLY A 73 6.42 -9.12 -7.13
C GLY A 73 6.29 -9.16 -5.62
N PHE A 74 5.06 -9.40 -5.15
CA PHE A 74 4.83 -9.57 -3.71
C PHE A 74 3.90 -10.77 -3.42
N ASN A 75 4.15 -11.39 -2.28
CA ASN A 75 3.33 -12.48 -1.78
C ASN A 75 3.05 -13.50 -2.88
N LYS A 76 1.79 -13.81 -3.15
CA LYS A 76 1.47 -14.90 -4.05
C LYS A 76 1.17 -14.41 -5.45
N SER A 77 1.37 -13.12 -5.73
CA SER A 77 1.33 -12.66 -7.12
C SER A 77 2.64 -13.05 -7.81
N ASP A 78 2.61 -13.13 -9.14
CA ASP A 78 3.81 -13.50 -9.90
C ASP A 78 5.04 -12.63 -9.62
N ALA A 79 6.19 -13.28 -9.74
CA ALA A 79 7.48 -12.62 -9.68
C ALA A 79 7.64 -11.68 -10.85
N VAL A 80 8.38 -10.59 -10.66
CA VAL A 80 8.60 -9.63 -11.76
C VAL A 80 9.79 -8.74 -11.50
N VAL A 81 10.49 -8.35 -12.57
CA VAL A 81 11.54 -7.34 -12.46
C VAL A 81 11.02 -6.13 -13.23
N MET A 82 10.91 -4.99 -12.54
CA MET A 82 10.35 -3.80 -13.14
C MET A 82 11.45 -2.84 -13.59
N ASP A 83 11.31 -2.23 -14.77
CA ASP A 83 12.24 -1.18 -15.20
C ASP A 83 11.64 0.22 -15.14
N GLU A 84 10.36 0.32 -14.76
CA GLU A 84 9.70 1.61 -14.50
C GLU A 84 9.40 1.76 -13.01
N GLN A 85 9.15 2.98 -12.57
CA GLN A 85 8.78 3.25 -11.17
C GLN A 85 7.60 2.35 -10.72
N ARG A 86 7.72 1.73 -9.54
CA ARG A 86 6.71 0.69 -9.11
C ARG A 86 5.28 1.19 -9.04
N GLY A 87 5.09 2.45 -8.66
CA GLY A 87 3.74 3.02 -8.55
C GLY A 87 2.93 2.89 -9.83
N LEU A 88 3.56 3.25 -10.94
CA LEU A 88 2.95 3.19 -12.26
C LEU A 88 2.66 1.73 -12.68
N VAL A 89 3.64 0.84 -12.48
CA VAL A 89 3.50 -0.57 -12.90
C VAL A 89 2.39 -1.24 -12.07
N ASN A 90 2.40 -1.00 -10.76
CA ASN A 90 1.32 -1.46 -9.87
C ASN A 90 -0.06 -1.00 -10.30
N ALA A 91 -0.17 0.28 -10.69
CA ALA A 91 -1.45 0.88 -11.11
C ALA A 91 -2.00 0.18 -12.36
N ARG A 92 -1.10 -0.13 -13.30
CA ARG A 92 -1.51 -0.90 -14.49
C ARG A 92 -2.06 -2.28 -14.09
N ALA A 93 -1.45 -2.91 -13.10
CA ALA A 93 -1.96 -4.19 -12.59
C ALA A 93 -3.36 -4.06 -11.96
N VAL A 94 -3.62 -2.97 -11.23
CA VAL A 94 -4.94 -2.73 -10.65
C VAL A 94 -5.96 -2.64 -11.76
N LYS A 95 -5.65 -1.86 -12.80
CA LYS A 95 -6.54 -1.76 -13.96
C LYS A 95 -6.71 -3.11 -14.61
N GLY A 96 -5.61 -3.84 -14.80
CA GLY A 96 -5.66 -5.20 -15.31
C GLY A 96 -6.63 -6.06 -14.52
N LEU A 97 -6.52 -5.98 -13.20
CA LEU A 97 -7.40 -6.75 -12.32
C LEU A 97 -8.86 -6.32 -12.50
N MET A 98 -9.10 -5.01 -12.53
CA MET A 98 -10.46 -4.49 -12.67
C MET A 98 -11.07 -4.88 -14.03
N ASP A 99 -10.31 -4.80 -15.11
CA ASP A 99 -10.83 -5.27 -16.41
C ASP A 99 -11.20 -6.76 -16.33
N ALA A 100 -10.29 -7.56 -15.78
CA ALA A 100 -10.52 -9.01 -15.67
C ALA A 100 -11.79 -9.35 -14.89
N LEU A 101 -12.18 -8.53 -13.90
CA LEU A 101 -13.31 -8.85 -13.04
C LEU A 101 -14.57 -8.04 -13.34
N ASP A 102 -14.57 -7.28 -14.43
CA ASP A 102 -15.73 -6.46 -14.80
C ASP A 102 -16.12 -5.43 -13.73
N ILE A 103 -15.10 -4.80 -13.13
CA ILE A 103 -15.29 -3.69 -12.20
C ILE A 103 -15.07 -2.36 -12.94
N ASP A 104 -16.13 -1.59 -13.07
CA ASP A 104 -16.09 -0.31 -13.78
C ASP A 104 -15.31 0.73 -12.95
N ARG A 105 -15.65 0.85 -11.66
CA ARG A 105 -15.04 1.84 -10.81
C ARG A 105 -14.69 1.27 -9.44
N ALA A 106 -13.54 1.67 -8.88
CA ALA A 106 -13.21 1.29 -7.50
C ALA A 106 -12.71 2.45 -6.59
N HIS A 107 -13.14 2.41 -5.34
CA HIS A 107 -12.49 3.18 -4.28
C HIS A 107 -11.17 2.53 -4.01
N LEU A 108 -10.09 3.32 -3.89
CA LEU A 108 -8.75 2.76 -3.60
C LEU A 108 -8.25 3.21 -2.24
N VAL A 109 -7.66 2.26 -1.50
CA VAL A 109 -7.02 2.50 -0.22
C VAL A 109 -5.57 2.07 -0.39
N GLY A 110 -4.64 2.95 -0.09
CA GLY A 110 -3.25 2.66 -0.34
C GLY A 110 -2.30 3.16 0.70
N ASN A 111 -1.48 2.25 1.20
CA ASN A 111 -0.46 2.54 2.18
C ASN A 111 0.95 2.52 1.57
N ALA A 112 1.70 3.60 1.78
CA ALA A 112 3.10 3.68 1.37
C ALA A 112 3.26 3.40 -0.12
N MET A 113 3.90 2.29 -0.51
CA MET A 113 3.94 1.90 -1.92
C MET A 113 2.55 1.83 -2.52
N GLY A 114 1.59 1.36 -1.73
CA GLY A 114 0.21 1.26 -2.21
C GLY A 114 -0.43 2.63 -2.39
N GLY A 115 0.00 3.60 -1.60
CA GLY A 115 -0.40 5.01 -1.81
C GLY A 115 0.18 5.53 -3.11
N ALA A 116 1.45 5.23 -3.38
CA ALA A 116 2.05 5.60 -4.66
C ALA A 116 1.25 4.97 -5.80
N THR A 117 0.89 3.69 -5.66
CA THR A 117 0.08 2.97 -6.64
C THR A 117 -1.29 3.63 -6.87
N ALA A 118 -1.95 4.02 -5.77
CA ALA A 118 -3.26 4.61 -5.84
C ALA A 118 -3.22 5.98 -6.56
N LEU A 119 -2.23 6.81 -6.21
CA LEU A 119 -1.96 8.09 -6.90
C LEU A 119 -1.79 7.92 -8.43
N ASN A 120 -0.92 6.99 -8.82
CA ASN A 120 -0.71 6.67 -10.24
C ASN A 120 -1.97 6.17 -10.93
N PHE A 121 -2.75 5.35 -10.25
CA PHE A 121 -4.00 4.90 -10.82
C PHE A 121 -4.93 6.08 -11.09
N ALA A 122 -5.08 6.97 -10.10
CA ALA A 122 -5.97 8.14 -10.22
C ALA A 122 -5.54 9.09 -11.35
N LEU A 123 -4.24 9.22 -11.55
CA LEU A 123 -3.68 10.01 -12.64
C LEU A 123 -3.89 9.35 -14.00
N GLU A 124 -3.58 8.06 -14.12
CA GLU A 124 -3.64 7.36 -15.41
C GLU A 124 -5.07 7.00 -15.82
N TYR A 125 -5.91 6.63 -14.86
CA TYR A 125 -7.26 6.16 -15.15
C TYR A 125 -8.33 6.90 -14.32
N PRO A 126 -8.46 8.21 -14.54
CA PRO A 126 -9.38 9.02 -13.75
C PRO A 126 -10.84 8.58 -13.84
N ASP A 127 -11.23 8.03 -14.98
CA ASP A 127 -12.59 7.50 -15.19
C ASP A 127 -12.89 6.20 -14.40
N ARG A 128 -11.86 5.55 -13.85
CA ARG A 128 -12.02 4.24 -13.23
C ARG A 128 -11.92 4.27 -11.68
N ILE A 129 -11.72 5.45 -11.09
CA ILE A 129 -11.57 5.58 -9.64
C ILE A 129 -12.79 6.29 -9.04
N GLY A 130 -13.14 5.92 -7.81
CA GLY A 130 -14.16 6.59 -7.03
C GLY A 130 -13.41 7.52 -6.11
N LYS A 131 -13.42 7.23 -4.80
CA LYS A 131 -12.65 8.00 -3.85
C LYS A 131 -11.26 7.40 -3.65
N LEU A 132 -10.37 8.22 -3.09
CA LEU A 132 -8.96 7.92 -2.98
C LEU A 132 -8.56 8.09 -1.50
N ILE A 133 -8.11 7.01 -0.87
CA ILE A 133 -7.66 7.04 0.51
C ILE A 133 -6.16 6.75 0.53
N LEU A 134 -5.37 7.69 1.03
CA LEU A 134 -3.89 7.63 0.93
C LEU A 134 -3.26 7.63 2.30
N MET A 135 -2.53 6.57 2.62
CA MET A 135 -1.88 6.41 3.92
C MET A 135 -0.35 6.45 3.78
N GLY A 136 0.24 7.58 4.13
CA GLY A 136 1.69 7.81 3.97
C GLY A 136 2.26 7.31 2.64
N PRO A 137 1.75 7.83 1.52
CA PRO A 137 2.19 7.40 0.20
C PRO A 137 3.68 7.65 -0.06
N GLY A 138 4.34 6.70 -0.69
CA GLY A 138 5.77 6.79 -0.92
C GLY A 138 6.11 7.51 -2.21
N GLY A 139 7.40 7.84 -2.34
CA GLY A 139 7.96 8.41 -3.58
C GLY A 139 7.66 9.86 -3.97
N LEU A 140 7.10 10.67 -3.07
CA LEU A 140 6.69 12.06 -3.42
C LEU A 140 7.86 13.08 -3.30
N GLY A 141 9.06 12.66 -3.67
CA GLY A 141 10.21 13.55 -3.72
C GLY A 141 10.85 13.83 -2.37
N PRO A 142 11.63 14.92 -2.30
CA PRO A 142 12.33 15.22 -1.07
C PRO A 142 11.41 15.76 0.04
N SER A 143 11.83 15.59 1.28
CA SER A 143 11.17 16.21 2.41
C SER A 143 11.79 17.57 2.67
N MET A 144 11.02 18.51 3.22
CA MET A 144 11.56 19.81 3.63
C MET A 144 12.31 19.72 4.95
N PHE A 145 12.12 18.61 5.69
CA PHE A 145 12.72 18.41 7.03
C PHE A 145 13.55 17.15 7.19
N ALA A 146 13.12 16.07 6.57
CA ALA A 146 13.66 14.76 6.84
C ALA A 146 14.79 14.46 5.85
N PRO A 147 15.98 14.15 6.38
CA PRO A 147 17.05 13.58 5.57
C PRO A 147 16.58 12.27 4.91
N MET A 148 17.01 12.06 3.66
CA MET A 148 16.62 10.88 2.89
C MET A 148 17.84 10.18 2.34
N PRO A 149 17.82 8.84 2.25
CA PRO A 149 16.72 7.91 2.57
C PRO A 149 16.33 7.91 4.06
N MET A 150 15.03 7.83 4.31
CA MET A 150 14.47 7.75 5.65
C MET A 150 14.97 6.48 6.35
N GLU A 151 14.97 6.56 7.67
CA GLU A 151 15.40 5.46 8.53
C GLU A 151 14.75 4.13 8.15
N GLY A 152 13.45 4.16 7.90
CA GLY A 152 12.69 2.95 7.60
C GLY A 152 13.00 2.41 6.23
N ILE A 153 13.32 3.30 5.31
CA ILE A 153 13.70 2.92 3.97
C ILE A 153 15.06 2.21 4.00
N LYS A 154 15.99 2.67 4.81
CA LYS A 154 17.30 2.01 4.91
C LYS A 154 17.12 0.60 5.48
N LEU A 155 16.25 0.46 6.47
CA LEU A 155 15.94 -0.86 7.03
C LEU A 155 15.24 -1.77 6.04
N LEU A 156 14.35 -1.20 5.22
CA LEU A 156 13.68 -1.99 4.19
C LEU A 156 14.71 -2.56 3.19
N PHE A 157 15.65 -1.73 2.76
CA PHE A 157 16.67 -2.19 1.81
C PHE A 157 17.64 -3.17 2.47
N LYS A 158 17.96 -2.97 3.74
CA LYS A 158 18.83 -3.90 4.46
C LYS A 158 18.20 -5.31 4.53
N LEU A 159 16.90 -5.37 4.85
CA LEU A 159 16.21 -6.65 4.96
C LEU A 159 16.07 -7.33 3.61
N TYR A 160 15.85 -6.56 2.55
CA TYR A 160 15.80 -7.13 1.21
C TYR A 160 17.13 -7.79 0.81
N ALA A 161 18.24 -7.10 1.09
CA ALA A 161 19.58 -7.58 0.72
C ALA A 161 20.07 -8.70 1.65
N GLU A 162 19.89 -8.55 2.97
CA GLU A 162 20.30 -9.59 3.93
C GLU A 162 19.14 -10.07 4.81
N PRO A 163 18.22 -10.87 4.22
CA PRO A 163 17.08 -11.32 5.01
C PRO A 163 17.44 -12.16 6.22
N SER A 164 17.00 -11.73 7.39
CA SER A 164 17.08 -12.55 8.59
C SER A 164 15.92 -12.21 9.51
N TYR A 165 15.65 -13.13 10.42
CA TYR A 165 14.59 -12.95 11.39
C TYR A 165 14.89 -11.75 12.31
N GLU A 166 16.16 -11.57 12.64
CA GLU A 166 16.58 -10.50 13.53
C GLU A 166 16.44 -9.14 12.85
N THR A 167 16.81 -9.07 11.57
CA THR A 167 16.64 -7.86 10.79
C THR A 167 15.14 -7.58 10.53
N LEU A 168 14.35 -8.62 10.31
CA LEU A 168 12.88 -8.50 10.23
C LEU A 168 12.32 -7.80 11.46
N LYS A 169 12.77 -8.25 12.63
CA LYS A 169 12.33 -7.68 13.91
C LYS A 169 12.75 -6.23 14.07
N GLN A 170 13.98 -5.91 13.70
CA GLN A 170 14.46 -4.54 13.74
C GLN A 170 13.62 -3.63 12.86
N MET A 171 13.27 -4.10 11.67
CA MET A 171 12.44 -3.31 10.77
C MET A 171 11.05 -3.06 11.36
N LEU A 172 10.41 -4.10 11.90
CA LEU A 172 9.07 -3.93 12.43
C LEU A 172 9.06 -3.01 13.64
N GLN A 173 10.12 -3.06 14.46
CA GLN A 173 10.30 -2.12 15.57
C GLN A 173 10.32 -0.66 15.13
N VAL A 174 10.78 -0.40 13.90
CA VAL A 174 10.79 0.97 13.34
C VAL A 174 9.43 1.29 12.69
N PHE A 175 8.83 0.30 12.02
N PHE A 175 8.87 0.28 12.01
CA PHE A 175 7.54 0.50 11.32
CA PHE A 175 7.56 0.28 11.32
C PHE A 175 6.38 0.78 12.27
C PHE A 175 6.39 0.69 12.24
N LEU A 176 6.45 0.24 13.49
CA LEU A 176 5.38 0.39 14.47
C LEU A 176 5.78 1.31 15.57
N TYR A 177 4.84 2.12 16.07
CA TYR A 177 5.11 2.96 17.23
C TYR A 177 5.10 2.10 18.51
N ASP A 178 3.98 1.42 18.75
CA ASP A 178 3.84 0.59 19.94
C ASP A 178 4.54 -0.76 19.72
N GLN A 179 5.70 -0.93 20.37
CA GLN A 179 6.52 -2.16 20.28
C GLN A 179 5.85 -3.43 20.78
N SER A 180 4.93 -3.30 21.72
CA SER A 180 4.20 -4.43 22.26
C SER A 180 3.22 -5.02 21.25
N LEU A 181 3.06 -4.37 20.10
CA LEU A 181 2.25 -4.95 19.04
C LEU A 181 3.05 -6.01 18.26
N ILE A 182 4.37 -6.08 18.46
CA ILE A 182 5.21 -7.01 17.72
C ILE A 182 5.18 -8.38 18.41
N THR A 183 4.16 -9.16 18.07
CA THR A 183 3.98 -10.50 18.63
C THR A 183 4.76 -11.50 17.78
N GLU A 184 4.90 -12.71 18.32
CA GLU A 184 5.49 -13.84 17.56
C GLU A 184 4.67 -14.16 16.31
N GLU A 185 3.36 -14.03 16.39
CA GLU A 185 2.48 -14.21 15.23
C GLU A 185 2.81 -13.25 14.08
N LEU A 186 3.00 -11.99 14.41
CA LEU A 186 3.33 -10.99 13.42
C LEU A 186 4.66 -11.32 12.75
N LEU A 187 5.68 -11.61 13.55
CA LEU A 187 7.02 -11.93 13.07
C LEU A 187 7.09 -13.19 12.19
N GLN A 188 6.48 -14.28 12.67
CA GLN A 188 6.42 -15.53 11.90
C GLN A 188 5.67 -15.37 10.59
N GLY A 189 4.63 -14.54 10.62
CA GLY A 189 3.87 -14.24 9.43
C GLY A 189 4.75 -13.63 8.36
N ARG A 190 5.42 -12.52 8.69
CA ARG A 190 6.24 -11.84 7.71
C ARG A 190 7.40 -12.76 7.29
N TRP A 191 7.97 -13.46 8.27
CA TRP A 191 9.08 -14.35 8.03
C TRP A 191 8.72 -15.44 7.05
N GLU A 192 7.55 -16.03 7.20
CA GLU A 192 7.09 -17.06 6.28
C GLU A 192 6.94 -16.51 4.87
N ALA A 193 6.37 -15.30 4.75
CA ALA A 193 6.20 -14.67 3.44
C ALA A 193 7.55 -14.40 2.76
N ILE A 194 8.56 -14.12 3.56
CA ILE A 194 9.91 -13.88 3.03
C ILE A 194 10.55 -15.20 2.57
N GLN A 195 10.48 -16.21 3.43
CA GLN A 195 11.06 -17.52 3.13
C GLN A 195 10.43 -18.22 1.93
N ARG A 196 9.13 -18.04 1.77
CA ARG A 196 8.36 -18.72 0.73
C ARG A 196 8.72 -18.26 -0.67
N GLN A 197 9.20 -17.04 -0.81
CA GLN A 197 9.47 -16.54 -2.15
C GLN A 197 10.67 -15.59 -2.14
N PRO A 198 11.87 -16.19 -2.09
CA PRO A 198 13.13 -15.42 -2.11
C PRO A 198 13.35 -14.70 -3.44
N GLU A 199 12.87 -15.26 -4.53
CA GLU A 199 12.90 -14.59 -5.83
C GLU A 199 12.42 -13.12 -5.68
N HIS A 200 11.33 -12.88 -4.94
CA HIS A 200 10.77 -11.53 -4.81
C HIS A 200 11.77 -10.52 -4.27
N LEU A 201 12.57 -10.93 -3.28
CA LEU A 201 13.49 -10.01 -2.61
C LEU A 201 14.56 -9.59 -3.59
N LYS A 202 15.15 -10.59 -4.23
CA LYS A 202 16.12 -10.39 -5.31
C LYS A 202 15.57 -9.46 -6.39
N ASN A 203 14.34 -9.71 -6.83
CA ASN A 203 13.79 -8.92 -7.94
C ASN A 203 13.49 -7.49 -7.57
N PHE A 204 13.12 -7.24 -6.32
CA PHE A 204 12.86 -5.89 -5.84
C PHE A 204 14.13 -5.06 -5.89
N LEU A 205 15.25 -5.66 -5.48
CA LEU A 205 16.52 -4.95 -5.47
C LEU A 205 16.99 -4.64 -6.91
N ILE A 206 16.75 -5.56 -7.85
CA ILE A 206 17.08 -5.33 -9.25
C ILE A 206 16.19 -4.21 -9.78
N SER A 207 14.89 -4.29 -9.51
CA SER A 207 13.95 -3.25 -9.91
C SER A 207 14.33 -1.87 -9.36
N ALA A 208 14.75 -1.80 -8.11
CA ALA A 208 15.14 -0.54 -7.48
C ALA A 208 16.41 0.08 -8.11
N GLN A 209 17.23 -0.75 -8.74
CA GLN A 209 18.39 -0.28 -9.52
C GLN A 209 17.97 0.36 -10.84
N LYS A 210 17.07 -0.31 -11.56
CA LYS A 210 16.56 0.23 -12.82
C LYS A 210 15.72 1.52 -12.63
N ALA A 211 14.98 1.63 -11.53
CA ALA A 211 14.09 2.78 -11.31
C ALA A 211 14.12 3.18 -9.84
N PRO A 212 15.09 4.02 -9.46
CA PRO A 212 15.21 4.39 -8.04
C PRO A 212 13.99 5.19 -7.54
N LEU A 213 13.90 5.36 -6.22
CA LEU A 213 12.74 6.02 -5.58
C LEU A 213 12.52 7.44 -6.11
N SER A 214 13.60 8.09 -6.52
CA SER A 214 13.50 9.43 -7.09
C SER A 214 12.66 9.47 -8.37
N THR A 215 12.59 8.36 -9.10
CA THR A 215 11.78 8.28 -10.31
C THR A 215 10.28 8.09 -10.02
N TRP A 216 9.90 7.89 -8.77
CA TRP A 216 8.46 7.72 -8.42
C TRP A 216 7.71 9.03 -8.29
N ASP A 217 8.44 10.14 -8.23
CA ASP A 217 7.83 11.43 -7.86
C ASP A 217 6.84 11.95 -8.89
N VAL A 218 5.54 11.80 -8.58
CA VAL A 218 4.46 12.38 -9.38
C VAL A 218 3.89 13.69 -8.79
N THR A 219 4.59 14.34 -7.87
CA THR A 219 4.20 15.66 -7.33
C THR A 219 3.63 16.66 -8.39
N ALA A 220 4.36 16.83 -9.47
CA ALA A 220 4.02 17.84 -10.50
C ALA A 220 2.66 17.62 -11.15
N ARG A 221 2.14 16.39 -11.09
CA ARG A 221 0.84 16.08 -11.69
C ARG A 221 -0.33 16.03 -10.70
N LEU A 222 -0.08 16.34 -9.43
CA LEU A 222 -1.13 16.19 -8.40
C LEU A 222 -2.38 17.05 -8.70
N GLY A 223 -2.18 18.17 -9.40
CA GLY A 223 -3.28 19.04 -9.80
C GLY A 223 -4.31 18.41 -10.73
N GLU A 224 -3.97 17.28 -11.34
CA GLU A 224 -4.90 16.60 -12.23
C GLU A 224 -5.96 15.75 -11.48
N ILE A 225 -5.69 15.39 -10.23
CA ILE A 225 -6.59 14.49 -9.51
C ILE A 225 -7.88 15.19 -9.09
N LYS A 226 -8.99 14.72 -9.66
CA LYS A 226 -10.31 15.21 -9.30
C LYS A 226 -11.07 14.31 -8.31
N ALA A 227 -10.53 13.13 -8.01
CA ALA A 227 -11.10 12.27 -6.96
C ALA A 227 -11.10 12.94 -5.60
N LYS A 228 -12.21 12.82 -4.87
CA LYS A 228 -12.23 13.23 -3.45
C LYS A 228 -11.25 12.35 -2.70
N THR A 229 -10.37 12.97 -1.90
CA THR A 229 -9.17 12.31 -1.35
C THR A 229 -9.12 12.46 0.16
N PHE A 230 -8.85 11.35 0.85
CA PHE A 230 -8.66 11.34 2.31
C PHE A 230 -7.22 10.88 2.55
N ILE A 231 -6.41 11.77 3.12
CA ILE A 231 -5.01 11.52 3.38
C ILE A 231 -4.84 11.21 4.87
N THR A 232 -4.20 10.10 5.22
CA THR A 232 -3.91 9.76 6.62
C THR A 232 -2.40 9.64 6.80
N TRP A 233 -1.93 9.97 7.99
CA TRP A 233 -0.52 9.82 8.35
C TRP A 233 -0.40 9.39 9.79
N GLY A 234 0.65 8.63 10.06
CA GLY A 234 1.09 8.38 11.42
C GLY A 234 2.08 9.46 11.81
N ARG A 235 1.81 10.13 12.92
CA ARG A 235 2.68 11.18 13.46
C ARG A 235 4.13 10.70 13.56
N ASP A 236 4.30 9.41 13.79
CA ASP A 236 5.58 8.83 14.16
C ASP A 236 6.12 7.93 13.06
N ASP A 237 5.69 8.19 11.83
CA ASP A 237 6.11 7.46 10.66
C ASP A 237 7.58 7.80 10.34
N ARG A 238 8.43 6.78 10.40
CA ARG A 238 9.87 6.87 10.12
C ARG A 238 10.24 6.34 8.72
N PHE A 239 9.22 6.13 7.90
N PHE A 239 9.22 6.09 7.91
CA PHE A 239 9.37 5.58 6.57
CA PHE A 239 9.42 5.62 6.53
C PHE A 239 9.09 6.63 5.50
C PHE A 239 9.15 6.71 5.52
N VAL A 240 8.05 7.44 5.69
CA VAL A 240 7.67 8.52 4.76
C VAL A 240 7.36 9.76 5.64
N PRO A 241 7.85 10.94 5.21
CA PRO A 241 7.83 12.08 6.16
C PRO A 241 6.48 12.78 6.25
N LEU A 242 6.16 13.24 7.44
CA LEU A 242 4.88 13.91 7.74
C LEU A 242 4.57 15.11 6.84
N ASP A 243 5.59 15.88 6.42
CA ASP A 243 5.33 17.06 5.59
C ASP A 243 4.81 16.70 4.22
N HIS A 244 4.96 15.43 3.82
CA HIS A 244 4.35 14.97 2.57
C HIS A 244 2.84 14.89 2.66
N GLY A 245 2.31 14.74 3.86
CA GLY A 245 0.87 14.92 4.09
C GLY A 245 0.37 16.33 3.73
N LEU A 246 1.14 17.34 4.14
CA LEU A 246 0.84 18.75 3.78
C LEU A 246 0.93 18.96 2.26
N LYS A 247 1.97 18.38 1.67
CA LYS A 247 2.17 18.46 0.23
C LYS A 247 0.93 18.02 -0.55
N LEU A 248 0.39 16.84 -0.20
CA LEU A 248 -0.81 16.34 -0.83
C LEU A 248 -2.00 17.27 -0.56
N LEU A 249 -2.13 17.74 0.68
CA LEU A 249 -3.23 18.57 1.09
C LEU A 249 -3.28 19.89 0.35
N TRP A 250 -2.10 20.45 0.07
CA TRP A 250 -1.99 21.70 -0.70
C TRP A 250 -2.16 21.51 -2.18
N ASN A 251 -1.81 20.35 -2.71
CA ASN A 251 -1.75 20.18 -4.17
C ASN A 251 -2.91 19.41 -4.78
N ILE A 252 -3.65 18.63 -3.99
CA ILE A 252 -4.82 17.92 -4.51
C ILE A 252 -6.01 18.81 -4.28
N ASP A 253 -6.85 18.99 -5.29
CA ASP A 253 -8.00 19.88 -5.21
C ASP A 253 -8.92 19.66 -3.99
N ASP A 254 -9.40 18.44 -3.80
CA ASP A 254 -10.37 18.16 -2.75
C ASP A 254 -9.83 17.08 -1.81
N ALA A 255 -9.00 17.50 -0.86
CA ALA A 255 -8.33 16.60 0.07
C ALA A 255 -8.60 17.01 1.51
N ARG A 256 -8.48 16.08 2.43
CA ARG A 256 -8.39 16.40 3.86
C ARG A 256 -7.32 15.50 4.46
N LEU A 257 -6.78 15.91 5.60
CA LEU A 257 -5.66 15.21 6.22
C LEU A 257 -5.99 14.85 7.66
N HIS A 258 -5.70 13.60 8.02
CA HIS A 258 -5.92 13.10 9.35
C HIS A 258 -4.65 12.45 9.84
N VAL A 259 -4.13 12.94 10.95
CA VAL A 259 -2.90 12.43 11.51
C VAL A 259 -3.18 11.79 12.86
N PHE A 260 -2.81 10.51 13.00
CA PHE A 260 -2.93 9.80 14.26
C PHE A 260 -1.68 9.97 15.10
N SER A 261 -1.84 10.22 16.39
CA SER A 261 -0.71 10.21 17.32
CA SER A 261 -0.68 10.21 17.29
C SER A 261 -0.34 8.76 17.66
N LYS A 262 0.89 8.54 18.09
CA LYS A 262 1.37 7.20 18.53
C LYS A 262 1.09 6.20 17.45
N CYS A 263 1.65 6.44 16.29
CA CYS A 263 1.31 5.66 15.13
C CYS A 263 2.45 5.70 14.14
N GLY A 264 2.87 4.52 13.71
CA GLY A 264 3.88 4.39 12.68
C GLY A 264 3.27 4.36 11.29
N GLN A 265 3.85 3.54 10.43
CA GLN A 265 3.45 3.44 9.02
CA GLN A 265 3.49 3.38 9.02
C GLN A 265 2.17 2.62 8.78
N TRP A 266 1.69 1.87 9.77
N TRP A 266 1.61 2.00 9.81
CA TRP A 266 0.45 1.09 9.59
CA TRP A 266 0.55 1.04 9.62
C TRP A 266 -0.64 1.61 10.44
C TRP A 266 -0.74 1.49 10.30
N ALA A 267 -1.20 2.73 10.03
CA ALA A 267 -2.35 3.31 10.71
C ALA A 267 -3.55 2.38 10.73
N GLN A 268 -3.78 1.67 9.64
CA GLN A 268 -4.96 0.82 9.51
C GLN A 268 -4.88 -0.39 10.43
N TRP A 269 -3.68 -0.69 10.89
CA TRP A 269 -3.46 -1.74 11.85
C TRP A 269 -3.27 -1.24 13.26
N GLU A 270 -2.45 -0.21 13.44
CA GLU A 270 -2.17 0.35 14.77
C GLU A 270 -3.35 1.13 15.37
N HIS A 271 -4.19 1.72 14.52
CA HIS A 271 -5.38 2.46 14.97
C HIS A 271 -6.57 2.00 14.16
N ALA A 272 -6.80 0.68 14.15
CA ALA A 272 -7.75 0.09 13.24
C ALA A 272 -9.19 0.63 13.45
N ASP A 273 -9.66 0.68 14.69
CA ASP A 273 -11.06 1.11 14.95
C ASP A 273 -11.32 2.53 14.46
N GLU A 274 -10.45 3.46 14.82
CA GLU A 274 -10.63 4.84 14.39
C GLU A 274 -10.46 4.99 12.88
N PHE A 275 -9.47 4.30 12.32
CA PHE A 275 -9.26 4.28 10.87
C PHE A 275 -10.50 3.76 10.14
N ASN A 276 -11.00 2.62 10.60
CA ASN A 276 -12.18 2.02 9.95
C ASN A 276 -13.36 3.02 9.98
N ARG A 277 -13.63 3.62 11.13
CA ARG A 277 -14.72 4.58 11.26
C ARG A 277 -14.59 5.79 10.35
N LEU A 278 -13.38 6.37 10.29
CA LEU A 278 -13.13 7.57 9.49
C LEU A 278 -13.24 7.32 7.99
N VAL A 279 -12.70 6.20 7.52
CA VAL A 279 -12.73 5.93 6.09
C VAL A 279 -14.12 5.45 5.62
N ILE A 280 -14.78 4.62 6.40
CA ILE A 280 -16.16 4.24 6.09
C ILE A 280 -17.03 5.53 6.03
N ASP A 281 -16.91 6.40 7.03
CA ASP A 281 -17.69 7.64 7.05
C ASP A 281 -17.43 8.47 5.78
N PHE A 282 -16.16 8.61 5.44
CA PHE A 282 -15.74 9.28 4.19
C PHE A 282 -16.31 8.63 2.91
N LEU A 283 -16.16 7.32 2.75
CA LEU A 283 -16.77 6.63 1.59
C LEU A 283 -18.30 6.80 1.57
N ARG A 284 -18.96 6.81 2.72
CA ARG A 284 -20.41 6.99 2.72
C ARG A 284 -20.87 8.42 2.47
N HIS A 285 -20.16 9.43 2.96
CA HIS A 285 -20.74 10.77 3.07
C HIS A 285 -19.99 11.89 2.41
N ALA A 286 -18.69 11.78 2.20
CA ALA A 286 -17.99 12.84 1.52
C ALA A 286 -18.55 12.95 0.08
C1 MLA B . -18.37 -2.61 -8.27
O1A MLA B . -17.87 -1.78 -7.47
O1B MLA B . -18.16 -3.84 -8.21
C2 MLA B . -19.28 -2.08 -9.36
C3 MLA B . -18.45 -1.49 -10.49
O3A MLA B . -18.36 -2.13 -11.56
O3B MLA B . -17.85 -0.40 -10.34
#